data_3G5T
#
_entry.id   3G5T
#
_cell.length_a   36.834
_cell.length_b   91.891
_cell.length_c   104.269
_cell.angle_alpha   90.000
_cell.angle_beta   90.000
_cell.angle_gamma   90.000
#
_symmetry.space_group_name_H-M   'P 21 21 21'
#
loop_
_entity.id
_entity.type
_entity.pdbx_description
1 polymer 'Trans-aconitate 3-methyltransferase'
2 non-polymer 1,2-ETHANEDIOL
3 non-polymer S-ADENOSYL-L-HOMOCYSTEINE
4 non-polymer '(2E)-2-(2-methoxy-2-oxoethyl)but-2-enedioic acid'
5 non-polymer 'DIMETHYL SULFOXIDE'
6 water water
#
_entity_poly.entity_id   1
_entity_poly.type   'polypeptide(L)'
_entity_poly.pdbx_seq_one_letter_code
;SSTFSASDFNSERYSSSRPSYPSDFYK(MSE)IDEYHDGERKLLVDVGCGPGTATLQ(MSE)AQELKPFEQIIGSDLSAT
(MSE)IKTAEVIKEGSPDTYKNVSFKISSSDDFKFLGADSVDKQKID(MSE)ITAVECAHWFDFEKFQRSAYANLRKDGT
IAIWGYADPIFPDYPEFDDL(MSE)IEVPYGKQGLGPYWEQPGRSRLRN(MSE)LKDSHLDPELFHDIQVSYFCAEDVRD
KVKLHQHTKKPLLIRKQVTLVEFADYVRTWSAYHQWKQDPKNKDKEDVADWFIKESLRRRPELSTNTKIEVVWNTFYKLG
KRV
;
_entity_poly.pdbx_strand_id   A
#
# COMPACT_ATOMS: atom_id res chain seq x y z
N SER A 1 3.54 8.93 6.87
CA SER A 1 3.13 10.26 7.15
C SER A 1 2.54 10.27 8.56
N SER A 2 2.84 11.34 9.28
CA SER A 2 2.23 11.58 10.54
C SER A 2 0.72 11.70 10.47
N THR A 3 0.17 12.00 9.30
CA THR A 3 -1.25 12.06 9.17
C THR A 3 -1.94 10.78 9.64
N PHE A 4 -1.32 9.63 9.31
CA PHE A 4 -1.91 8.34 9.65
C PHE A 4 -1.84 8.00 11.13
N SER A 5 -1.04 8.77 11.89
CA SER A 5 -0.99 8.70 13.36
C SER A 5 -1.94 9.63 14.05
N ALA A 6 -2.64 10.49 13.33
CA ALA A 6 -3.61 11.39 14.00
C ALA A 6 -4.61 10.59 14.72
N SER A 7 -5.06 11.07 15.88
CA SER A 7 -6.03 10.38 16.65
C SER A 7 -7.31 10.19 15.93
N ASP A 8 -7.63 11.16 15.03
CA ASP A 8 -8.83 11.18 14.26
C ASP A 8 -8.61 10.78 12.79
N PHE A 9 -7.49 10.15 12.44
CA PHE A 9 -7.38 9.55 11.12
C PHE A 9 -8.37 8.41 11.05
N ASN A 10 -9.13 8.36 9.96
CA ASN A 10 -10.21 7.36 9.85
C ASN A 10 -9.67 6.03 9.35
N SER A 11 -9.06 5.31 10.27
CA SER A 11 -8.49 3.99 9.98
C SER A 11 -9.53 2.96 9.67
N GLU A 12 -10.74 3.10 10.21
CA GLU A 12 -11.80 2.21 9.83
C GLU A 12 -12.16 2.37 8.35
N ARG A 13 -12.27 3.58 7.86
CA ARG A 13 -12.56 3.78 6.45
C ARG A 13 -11.38 3.33 5.60
N TYR A 14 -10.17 3.52 6.07
CA TYR A 14 -9.01 2.98 5.36
C TYR A 14 -9.20 1.46 5.14
N SER A 15 -9.54 0.76 6.22
CA SER A 15 -9.72 -0.69 6.11
C SER A 15 -10.85 -1.04 5.20
N SER A 16 -11.98 -0.32 5.20
CA SER A 16 -13.11 -0.67 4.38
C SER A 16 -12.94 -0.32 2.94
N SER A 17 -12.12 0.67 2.61
CA SER A 17 -12.16 1.27 1.28
C SER A 17 -10.87 1.23 0.49
N ARG A 18 -9.77 0.81 1.10
CA ARG A 18 -8.49 0.69 0.43
C ARG A 18 -8.36 -0.65 -0.25
N PRO A 19 -7.63 -0.72 -1.33
CA PRO A 19 -7.41 -2.02 -1.99
C PRO A 19 -6.43 -2.87 -1.18
N SER A 20 -6.69 -4.19 -1.26
CA SER A 20 -5.72 -5.19 -0.84
C SER A 20 -5.22 -5.94 -2.06
N TYR A 21 -4.51 -7.05 -1.86
CA TYR A 21 -3.60 -7.55 -2.86
C TYR A 21 -4.01 -8.95 -3.29
N PRO A 22 -3.70 -9.29 -4.54
CA PRO A 22 -4.27 -10.49 -5.13
C PRO A 22 -3.47 -11.76 -4.78
N SER A 23 -4.21 -12.86 -4.76
CA SER A 23 -3.57 -14.17 -4.50
C SER A 23 -2.45 -14.52 -5.42
N ASP A 24 -2.54 -14.14 -6.71
CA ASP A 24 -1.45 -14.47 -7.61
C ASP A 24 -0.14 -13.81 -7.16
N PHE A 25 -0.22 -12.61 -6.60
CA PHE A 25 0.96 -11.93 -6.12
C PHE A 25 1.52 -12.64 -4.92
N TYR A 26 0.68 -13.03 -3.96
CA TYR A 26 1.16 -13.79 -2.83
C TYR A 26 1.78 -15.13 -3.25
N LYS A 27 1.19 -15.79 -4.21
CA LYS A 27 1.78 -17.03 -4.67
C LYS A 27 3.19 -16.79 -5.23
N ILE A 29 5.24 -14.36 -4.30
CA ILE A 29 6.10 -14.15 -3.15
C ILE A 29 6.53 -15.42 -2.51
N ASP A 30 5.61 -16.37 -2.34
CA ASP A 30 5.98 -17.65 -1.79
C ASP A 30 6.87 -18.45 -2.69
N GLU A 31 6.74 -18.35 -4.00
CA GLU A 31 7.65 -18.99 -4.90
C GLU A 31 9.06 -18.36 -4.78
N TYR A 32 9.13 -17.08 -4.49
CA TYR A 32 10.40 -16.43 -4.31
C TYR A 32 11.07 -16.83 -3.01
N HIS A 33 10.36 -16.79 -1.90
CA HIS A 33 10.90 -17.02 -0.59
C HIS A 33 11.48 -18.42 -0.49
N ASP A 34 12.68 -18.50 0.14
CA ASP A 34 13.28 -19.78 0.50
C ASP A 34 13.43 -19.95 1.99
N GLY A 35 13.19 -21.16 2.45
CA GLY A 35 13.62 -21.53 3.78
C GLY A 35 12.54 -21.38 4.85
N GLU A 36 12.99 -21.27 6.08
CA GLU A 36 12.08 -21.31 7.19
C GLU A 36 11.08 -20.18 7.25
N ARG A 37 10.04 -20.45 8.02
CA ARG A 37 8.84 -19.64 8.10
C ARG A 37 8.46 -19.42 9.60
N LYS A 38 9.43 -19.09 10.43
CA LYS A 38 9.17 -18.83 11.82
C LYS A 38 8.57 -17.46 12.04
N LEU A 39 9.02 -16.47 11.29
CA LEU A 39 8.61 -15.07 11.57
C LEU A 39 8.55 -14.25 10.31
N LEU A 40 7.40 -13.64 10.11
CA LEU A 40 7.12 -12.61 9.08
C LEU A 40 6.83 -11.32 9.81
N VAL A 41 7.50 -10.25 9.44
CA VAL A 41 7.21 -8.91 9.97
C VAL A 41 6.79 -7.99 8.83
N ASP A 42 5.63 -7.40 8.94
CA ASP A 42 5.06 -6.45 7.99
C ASP A 42 5.14 -5.08 8.60
N VAL A 43 6.06 -4.24 8.15
CA VAL A 43 6.29 -2.91 8.70
C VAL A 43 5.35 -1.92 8.03
N GLY A 44 5.10 -0.79 8.66
CA GLY A 44 4.10 0.12 8.11
C GLY A 44 2.79 -0.54 7.81
N CYS A 45 2.34 -1.44 8.69
CA CYS A 45 1.26 -2.32 8.38
C CYS A 45 -0.09 -1.68 8.27
N GLY A 46 -0.26 -0.47 8.77
CA GLY A 46 -1.59 0.11 8.76
C GLY A 46 -2.55 -0.73 9.55
N PRO A 47 -3.81 -0.82 9.15
CA PRO A 47 -4.81 -1.60 9.87
C PRO A 47 -4.73 -3.07 9.44
N GLY A 48 -3.53 -3.60 9.25
CA GLY A 48 -3.29 -4.99 8.94
C GLY A 48 -3.61 -5.37 7.52
N THR A 49 -3.56 -4.43 6.58
CA THR A 49 -4.00 -4.62 5.20
C THR A 49 -3.36 -5.86 4.60
N ALA A 50 -2.04 -5.87 4.51
CA ALA A 50 -1.35 -7.05 4.00
C ALA A 50 -1.13 -8.09 5.11
N THR A 51 -0.98 -7.65 6.35
CA THR A 51 -0.63 -8.53 7.41
C THR A 51 -1.63 -9.68 7.58
N LEU A 52 -2.92 -9.29 7.65
CA LEU A 52 -4.01 -10.24 7.86
C LEU A 52 -4.21 -11.06 6.60
N GLN A 53 -4.03 -10.50 5.43
CA GLN A 53 -4.10 -11.29 4.20
C GLN A 53 -3.05 -12.38 4.20
N ALA A 55 -1.62 -14.00 6.48
CA ALA A 55 -1.93 -15.13 7.37
C ALA A 55 -2.71 -16.21 6.63
N GLN A 56 -3.51 -15.84 5.61
CA GLN A 56 -4.30 -16.73 4.86
C GLN A 56 -3.72 -17.06 3.50
N GLU A 57 -3.02 -16.12 2.86
CA GLU A 57 -2.66 -16.24 1.44
C GLU A 57 -1.27 -16.84 1.22
N LEU A 58 -0.39 -16.78 2.20
CA LEU A 58 0.90 -17.43 2.15
C LEU A 58 0.85 -18.72 2.93
N LYS A 59 1.77 -19.63 2.66
CA LYS A 59 1.95 -20.80 3.51
C LYS A 59 2.13 -20.35 4.97
N PRO A 60 1.80 -21.19 5.92
CA PRO A 60 1.86 -20.74 7.34
C PRO A 60 3.23 -20.26 7.77
N PHE A 61 3.18 -19.25 8.62
CA PHE A 61 4.29 -18.82 9.45
C PHE A 61 3.99 -19.17 10.89
N GLU A 62 5.02 -19.41 11.69
CA GLU A 62 4.74 -19.65 13.10
C GLU A 62 4.18 -18.39 13.73
N GLN A 63 4.76 -17.23 13.42
CA GLN A 63 4.24 -15.95 13.93
C GLN A 63 4.36 -14.91 12.83
N ILE A 64 3.36 -14.04 12.82
CA ILE A 64 3.30 -12.87 11.93
C ILE A 64 3.13 -11.66 12.81
N ILE A 65 3.94 -10.63 12.59
CA ILE A 65 3.84 -9.38 13.33
C ILE A 65 3.67 -8.25 12.32
N GLY A 66 2.67 -7.44 12.56
CA GLY A 66 2.55 -6.15 11.87
C GLY A 66 2.99 -5.06 12.79
N SER A 67 3.86 -4.18 12.32
CA SER A 67 4.29 -3.01 13.09
C SER A 67 3.98 -1.73 12.35
N ASP A 68 3.76 -0.65 13.10
CA ASP A 68 3.42 0.63 12.52
C ASP A 68 3.69 1.69 13.61
N LEU A 69 3.99 2.92 13.17
CA LEU A 69 4.07 4.06 14.08
C LEU A 69 2.74 4.42 14.67
N SER A 70 1.64 4.17 13.99
CA SER A 70 0.32 4.73 14.32
C SER A 70 -0.48 3.85 15.25
N ALA A 71 -0.70 4.35 16.46
CA ALA A 71 -1.62 3.68 17.36
C ALA A 71 -3.03 3.58 16.78
N THR A 72 -3.46 4.61 16.04
CA THR A 72 -4.78 4.63 15.45
C THR A 72 -4.96 3.45 14.49
N ILE A 74 -3.04 0.68 14.33
CA ILE A 74 -2.85 -0.62 15.03
C ILE A 74 -4.12 -0.97 15.79
N LYS A 75 -4.81 0.00 16.37
CA LYS A 75 -6.04 -0.34 17.07
C LYS A 75 -7.06 -0.97 16.13
N THR A 76 -7.21 -0.36 14.91
CA THR A 76 -8.12 -0.95 13.93
C THR A 76 -7.68 -2.35 13.54
N ALA A 77 -6.37 -2.56 13.32
CA ALA A 77 -5.88 -3.90 13.00
C ALA A 77 -6.30 -4.90 14.12
N GLU A 78 -6.17 -4.49 15.36
CA GLU A 78 -6.54 -5.36 16.49
C GLU A 78 -8.02 -5.63 16.54
N VAL A 79 -8.84 -4.66 16.20
CA VAL A 79 -10.24 -4.87 16.13
C VAL A 79 -10.58 -5.94 15.12
N ILE A 80 -9.96 -5.85 13.95
CA ILE A 80 -10.20 -6.88 12.92
C ILE A 80 -9.69 -8.24 13.36
N LYS A 81 -8.51 -8.32 13.92
CA LYS A 81 -7.97 -9.57 14.44
C LYS A 81 -8.97 -10.20 15.40
N GLU A 82 -9.46 -9.40 16.31
CA GLU A 82 -10.37 -9.93 17.37
C GLU A 82 -11.67 -10.36 16.79
N GLY A 83 -12.08 -9.86 15.63
CA GLY A 83 -13.28 -10.27 14.96
C GLY A 83 -13.25 -11.67 14.37
N SER A 84 -12.02 -12.16 14.10
CA SER A 84 -11.78 -13.52 13.59
C SER A 84 -10.60 -14.18 14.27
N PRO A 85 -10.74 -14.46 15.56
CA PRO A 85 -9.53 -14.77 16.34
C PRO A 85 -8.83 -16.01 15.95
N ASP A 86 -9.59 -17.01 15.47
CA ASP A 86 -8.97 -18.26 15.08
C ASP A 86 -8.17 -18.10 13.79
N THR A 87 -8.74 -17.39 12.84
CA THR A 87 -8.07 -17.12 11.57
C THR A 87 -6.74 -16.41 11.80
N TYR A 88 -6.67 -15.60 12.85
CA TYR A 88 -5.54 -14.70 13.04
C TYR A 88 -4.82 -15.01 14.33
N LYS A 89 -4.84 -16.29 14.77
CA LYS A 89 -4.28 -16.59 16.09
C LYS A 89 -2.77 -16.36 16.18
N ASN A 90 -2.06 -16.41 15.06
CA ASN A 90 -0.61 -16.23 15.01
C ASN A 90 -0.21 -14.82 14.55
N VAL A 91 -1.13 -13.88 14.55
CA VAL A 91 -0.87 -12.50 14.16
C VAL A 91 -0.91 -11.60 15.37
C VAL A 91 -0.91 -11.60 15.36
N SER A 92 0.12 -10.75 15.50
N SER A 92 0.11 -10.76 15.49
CA SER A 92 0.20 -9.73 16.57
CA SER A 92 0.08 -9.70 16.52
C SER A 92 0.56 -8.42 15.93
C SER A 92 0.56 -8.41 15.92
N PHE A 93 0.28 -7.33 16.62
CA PHE A 93 0.57 -5.97 16.18
C PHE A 93 1.36 -5.23 17.21
N LYS A 94 2.27 -4.38 16.73
CA LYS A 94 3.20 -3.62 17.57
C LYS A 94 3.29 -2.19 17.08
N ILE A 95 3.40 -1.25 18.00
CA ILE A 95 3.75 0.10 17.66
C ILE A 95 5.25 0.19 17.62
N SER A 96 5.80 0.45 16.44
CA SER A 96 7.24 0.55 16.23
C SER A 96 7.52 1.14 14.88
N SER A 97 8.59 1.90 14.77
CA SER A 97 9.09 2.35 13.51
C SER A 97 9.57 1.16 12.69
N SER A 98 9.62 1.35 11.35
CA SER A 98 9.99 0.31 10.43
C SER A 98 11.43 -0.13 10.50
N ASP A 99 12.26 0.64 11.20
CA ASP A 99 13.64 0.29 11.42
C ASP A 99 13.90 -0.12 12.89
N ASP A 100 12.88 -0.25 13.69
CA ASP A 100 13.00 -0.60 15.09
C ASP A 100 12.39 -1.96 15.36
N PHE A 101 13.24 -2.96 15.62
CA PHE A 101 12.78 -4.33 15.85
C PHE A 101 12.98 -4.74 17.31
N LYS A 102 12.94 -3.78 18.22
CA LYS A 102 13.10 -4.10 19.66
C LYS A 102 12.02 -5.03 20.13
N PHE A 103 10.83 -5.05 19.54
CA PHE A 103 9.82 -5.93 19.98
C PHE A 103 10.19 -7.43 19.79
N LEU A 104 11.24 -7.73 19.01
CA LEU A 104 11.71 -9.11 18.90
C LEU A 104 12.34 -9.65 20.20
N GLY A 105 12.69 -8.75 21.09
CA GLY A 105 13.38 -9.13 22.35
C GLY A 105 14.80 -8.74 22.30
N ALA A 106 15.34 -8.56 23.51
CA ALA A 106 16.62 -7.92 23.71
C ALA A 106 17.60 -8.80 23.07
N ASP A 107 17.39 -10.11 23.05
CA ASP A 107 18.32 -10.99 22.46
C ASP A 107 18.22 -11.30 21.00
N SER A 108 17.21 -10.73 20.36
CA SER A 108 16.94 -11.00 18.91
C SER A 108 17.03 -9.71 17.98
N VAL A 109 16.79 -8.55 18.55
CA VAL A 109 16.84 -7.32 17.79
C VAL A 109 18.20 -7.16 17.17
N ASP A 110 18.24 -6.82 15.88
CA ASP A 110 19.46 -6.52 15.18
C ASP A 110 20.40 -7.75 15.18
N LYS A 111 19.85 -8.95 15.24
CA LYS A 111 20.60 -10.17 15.23
C LYS A 111 20.17 -11.13 14.10
N GLN A 112 19.64 -10.54 13.03
CA GLN A 112 19.48 -11.29 11.79
C GLN A 112 18.61 -12.53 11.96
N LYS A 113 17.42 -12.32 12.52
CA LYS A 113 16.52 -13.43 12.83
C LYS A 113 15.30 -13.63 11.92
N ILE A 114 14.70 -12.57 11.37
CA ILE A 114 13.40 -12.68 10.72
C ILE A 114 13.56 -13.39 9.40
N ASP A 115 12.52 -14.17 9.02
CA ASP A 115 12.51 -14.86 7.75
C ASP A 115 12.07 -14.00 6.57
N ILE A 117 10.52 -9.89 5.70
CA ILE A 117 10.04 -8.54 6.01
C ILE A 117 9.31 -8.01 4.81
N THR A 118 8.10 -7.50 5.00
CA THR A 118 7.35 -6.82 3.95
C THR A 118 7.14 -5.37 4.36
N ALA A 119 7.05 -4.52 3.33
CA ALA A 119 6.74 -3.10 3.49
C ALA A 119 5.81 -2.71 2.38
N VAL A 120 4.54 -2.52 2.68
CA VAL A 120 3.50 -2.40 1.68
C VAL A 120 2.87 -1.05 1.76
N GLU A 121 2.90 -0.30 0.68
CA GLU A 121 2.30 1.06 0.60
C GLU A 121 2.82 1.94 1.70
N CYS A 122 4.13 1.85 1.98
CA CYS A 122 4.72 2.66 3.02
C CYS A 122 6.15 3.04 2.81
N ALA A 123 6.92 2.35 1.98
CA ALA A 123 8.37 2.57 1.98
C ALA A 123 8.75 3.92 1.41
N HIS A 124 7.86 4.56 0.66
CA HIS A 124 8.06 5.93 0.19
C HIS A 124 8.09 6.93 1.36
N TRP A 125 7.54 6.57 2.52
CA TRP A 125 7.62 7.42 3.69
C TRP A 125 8.92 7.26 4.44
N PHE A 126 9.72 6.25 4.13
CA PHE A 126 10.90 5.92 4.89
C PHE A 126 12.12 6.66 4.34
N ASP A 127 13.17 6.70 5.18
CA ASP A 127 14.55 6.84 4.69
C ASP A 127 14.88 5.42 4.19
N PHE A 128 14.88 5.24 2.90
CA PHE A 128 14.97 3.91 2.31
C PHE A 128 16.29 3.23 2.67
N GLU A 129 17.34 4.00 2.66
CA GLU A 129 18.66 3.46 2.98
C GLU A 129 18.73 2.99 4.43
N LYS A 130 18.26 3.81 5.36
CA LYS A 130 18.22 3.44 6.74
C LYS A 130 17.36 2.21 6.91
N PHE A 131 16.18 2.17 6.27
CA PHE A 131 15.30 1.02 6.37
C PHE A 131 15.96 -0.26 5.86
N GLN A 132 16.54 -0.21 4.69
CA GLN A 132 17.12 -1.45 4.14
C GLN A 132 18.28 -1.94 5.00
N ARG A 133 19.07 -1.03 5.58
CA ARG A 133 20.12 -1.44 6.48
C ARG A 133 19.53 -2.14 7.70
N SER A 134 18.42 -1.65 8.27
CA SER A 134 17.80 -2.28 9.38
C SER A 134 17.23 -3.65 8.98
N ALA A 135 16.64 -3.74 7.81
CA ALA A 135 16.16 -5.03 7.35
C ALA A 135 17.29 -6.02 7.24
N TYR A 136 18.42 -5.61 6.68
CA TYR A 136 19.57 -6.49 6.61
C TYR A 136 20.02 -6.97 7.97
N ALA A 137 20.02 -6.07 8.97
CA ALA A 137 20.43 -6.41 10.31
C ALA A 137 19.46 -7.30 11.03
N ASN A 138 18.24 -7.49 10.47
CA ASN A 138 17.16 -8.18 11.10
C ASN A 138 16.62 -9.36 10.33
N LEU A 139 17.22 -9.70 9.20
CA LEU A 139 16.86 -10.88 8.40
C LEU A 139 17.90 -11.96 8.60
N ARG A 140 17.46 -13.22 8.67
CA ARG A 140 18.38 -14.35 8.56
C ARG A 140 18.89 -14.46 7.13
N LYS A 141 19.89 -15.32 6.95
CA LYS A 141 20.54 -15.40 5.63
C LYS A 141 19.55 -15.91 4.59
N ASP A 142 19.52 -15.25 3.46
CA ASP A 142 18.57 -15.51 2.38
C ASP A 142 17.13 -15.23 2.80
N GLY A 143 16.92 -14.52 3.88
CA GLY A 143 15.60 -14.04 4.19
C GLY A 143 15.10 -13.07 3.15
N THR A 144 13.80 -12.98 3.01
CA THR A 144 13.17 -12.13 1.97
C THR A 144 12.87 -10.78 2.49
N ILE A 145 13.18 -9.78 1.64
CA ILE A 145 12.60 -8.43 1.73
C ILE A 145 11.68 -8.26 0.56
N ALA A 146 10.45 -7.80 0.82
CA ALA A 146 9.47 -7.59 -0.25
C ALA A 146 8.80 -6.27 0.00
N ILE A 147 8.91 -5.37 -0.99
CA ILE A 147 8.39 -4.02 -0.91
C ILE A 147 7.45 -3.84 -2.07
N TRP A 148 6.22 -3.35 -1.86
CA TRP A 148 5.32 -3.14 -2.99
C TRP A 148 4.40 -2.00 -2.67
N GLY A 149 3.74 -1.51 -3.70
CA GLY A 149 2.81 -0.39 -3.56
C GLY A 149 2.12 -0.03 -4.85
N TYR A 150 1.34 1.03 -4.78
CA TYR A 150 0.41 1.41 -5.82
C TYR A 150 0.16 2.90 -5.76
N ALA A 151 -0.29 3.47 -6.90
CA ALA A 151 -0.69 4.85 -6.98
C ALA A 151 -1.42 5.09 -8.30
N ASP A 152 -2.12 6.19 -8.36
CA ASP A 152 -2.53 6.84 -9.62
C ASP A 152 -3.34 5.87 -10.49
N PRO A 153 -4.54 5.49 -10.01
CA PRO A 153 -5.38 4.61 -10.76
C PRO A 153 -6.06 5.25 -11.94
N ILE A 154 -6.52 4.39 -12.85
CA ILE A 154 -7.44 4.81 -13.92
C ILE A 154 -8.57 3.76 -13.97
N PHE A 155 -9.62 4.14 -14.67
CA PHE A 155 -10.74 3.24 -14.96
C PHE A 155 -10.57 2.77 -16.38
N PRO A 156 -10.13 1.52 -16.63
CA PRO A 156 -9.80 1.16 -18.03
C PRO A 156 -10.85 1.43 -19.03
N ASP A 157 -12.11 1.18 -18.71
CA ASP A 157 -13.18 1.32 -19.68
C ASP A 157 -13.83 2.68 -19.69
N TYR A 158 -13.31 3.60 -18.90
CA TYR A 158 -13.86 4.98 -18.76
C TYR A 158 -12.71 5.94 -18.90
N PRO A 159 -12.16 6.07 -20.13
CA PRO A 159 -11.11 7.06 -20.39
C PRO A 159 -11.61 8.50 -20.20
N GLU A 160 -12.90 8.73 -20.20
CA GLU A 160 -13.44 10.03 -19.88
C GLU A 160 -13.14 10.48 -18.49
N PHE A 161 -12.75 9.57 -17.59
CA PHE A 161 -12.36 9.93 -16.23
C PHE A 161 -10.88 10.16 -16.08
N ASP A 162 -10.07 10.00 -17.16
CA ASP A 162 -8.64 10.15 -17.00
C ASP A 162 -8.26 11.56 -16.51
N ASP A 163 -8.96 12.59 -17.00
N ASP A 163 -8.97 12.58 -16.98
CA ASP A 163 -8.66 13.95 -16.50
CA ASP A 163 -8.64 13.94 -16.48
C ASP A 163 -8.93 14.04 -15.00
C ASP A 163 -8.96 14.05 -15.00
N LEU A 164 -10.02 13.43 -14.52
CA LEU A 164 -10.32 13.42 -13.08
C LEU A 164 -9.29 12.67 -12.27
N ILE A 166 -6.28 12.86 -12.68
CA ILE A 166 -5.25 13.85 -12.40
C ILE A 166 -5.78 14.94 -11.49
N GLU A 167 -6.93 15.52 -11.80
CA GLU A 167 -7.43 16.68 -11.09
C GLU A 167 -7.87 16.41 -9.66
N VAL A 168 -8.49 15.26 -9.42
CA VAL A 168 -8.91 14.93 -8.06
C VAL A 168 -7.71 14.91 -7.14
N PRO A 169 -6.69 14.10 -7.41
CA PRO A 169 -5.53 14.12 -6.49
C PRO A 169 -4.67 15.36 -6.59
N TYR A 170 -4.51 15.94 -7.78
CA TYR A 170 -3.42 16.87 -7.98
C TYR A 170 -3.89 18.25 -8.38
N GLY A 171 -5.18 18.55 -8.25
CA GLY A 171 -5.67 19.88 -8.59
C GLY A 171 -4.90 20.94 -7.75
N LYS A 172 -4.45 21.97 -8.45
CA LYS A 172 -3.62 22.96 -7.83
C LYS A 172 -4.29 23.80 -6.79
N GLN A 173 -5.65 23.89 -7.01
N GLN A 173 -5.57 23.92 -6.65
CA GLN A 173 -6.68 24.57 -6.17
CA GLN A 173 -6.04 24.59 -5.44
C GLN A 173 -7.38 23.61 -5.21
C GLN A 173 -7.13 23.66 -4.93
N GLY A 174 -6.90 22.36 -5.10
CA GLY A 174 -7.63 21.30 -4.39
C GLY A 174 -6.65 20.55 -3.52
N LEU A 175 -6.58 19.23 -3.76
CA LEU A 175 -5.73 18.39 -2.93
C LEU A 175 -4.26 18.51 -3.24
N GLY A 176 -3.89 19.02 -4.38
CA GLY A 176 -2.51 19.01 -4.82
C GLY A 176 -1.48 19.47 -3.82
N PRO A 177 -1.72 20.64 -3.18
CA PRO A 177 -0.76 21.17 -2.21
C PRO A 177 -0.63 20.37 -0.95
N TYR A 178 -1.52 19.46 -0.68
CA TYR A 178 -1.60 18.77 0.58
C TYR A 178 -0.85 17.48 0.59
N TRP A 179 -0.36 16.98 -0.51
CA TRP A 179 0.46 15.76 -0.46
C TRP A 179 1.82 16.06 0.16
N GLU A 180 2.19 15.27 1.12
CA GLU A 180 3.53 15.37 1.75
C GLU A 180 4.61 14.92 0.81
N GLN A 181 5.66 15.70 0.77
CA GLN A 181 6.80 15.45 -0.07
C GLN A 181 8.05 15.23 0.76
N PRO A 182 9.02 14.47 0.28
CA PRO A 182 9.06 13.88 -1.07
C PRO A 182 8.34 12.54 -1.14
N GLY A 183 7.63 12.11 -0.12
CA GLY A 183 6.98 10.83 -0.20
C GLY A 183 6.06 10.65 -1.36
N ARG A 184 5.26 11.64 -1.68
CA ARG A 184 4.33 11.47 -2.82
C ARG A 184 5.08 11.34 -4.13
N SER A 185 6.06 12.17 -4.35
CA SER A 185 6.79 12.08 -5.62
C SER A 185 7.47 10.77 -5.74
N ARG A 186 8.02 10.24 -4.63
CA ARG A 186 8.67 8.95 -4.67
C ARG A 186 7.72 7.83 -5.01
N LEU A 187 6.53 7.83 -4.39
CA LEU A 187 5.51 6.86 -4.69
C LEU A 187 5.08 6.93 -6.14
N ARG A 188 4.78 8.14 -6.62
CA ARG A 188 4.30 8.25 -7.97
C ARG A 188 5.26 7.69 -8.97
N ASN A 189 6.54 7.88 -8.65
CA ASN A 189 7.61 7.36 -9.52
C ASN A 189 8.00 5.95 -9.14
N LEU A 191 9.11 4.35 -6.70
CA LEU A 191 10.38 4.18 -6.00
C LEU A 191 11.49 3.82 -6.97
N LYS A 192 11.45 4.35 -8.20
CA LYS A 192 12.47 4.04 -9.19
C LYS A 192 13.84 4.57 -8.79
N ASP A 193 13.94 5.51 -7.87
CA ASP A 193 15.22 6.08 -7.48
C ASP A 193 15.85 5.45 -6.27
N SER A 194 15.17 4.45 -5.72
CA SER A 194 15.70 3.73 -4.59
C SER A 194 15.88 2.29 -4.89
N HIS A 195 17.01 1.78 -4.57
CA HIS A 195 17.46 0.44 -4.98
C HIS A 195 17.86 -0.39 -3.83
N LEU A 196 17.41 -1.63 -3.80
CA LEU A 196 17.98 -2.60 -2.88
C LEU A 196 19.47 -2.67 -3.10
N ASP A 197 20.24 -2.60 -2.02
CA ASP A 197 21.73 -2.50 -2.17
C ASP A 197 22.27 -3.90 -2.47
N PRO A 198 22.99 -4.02 -3.59
CA PRO A 198 23.49 -5.32 -3.97
C PRO A 198 24.57 -5.90 -3.03
N GLU A 199 25.11 -5.09 -2.15
CA GLU A 199 25.91 -5.70 -1.08
C GLU A 199 25.13 -6.36 -0.01
N LEU A 200 23.88 -5.99 0.13
CA LEU A 200 23.03 -6.48 1.21
C LEU A 200 22.02 -7.54 0.74
N PHE A 201 21.59 -7.43 -0.50
CA PHE A 201 20.56 -8.30 -1.10
C PHE A 201 21.00 -8.81 -2.44
N HIS A 202 20.58 -10.03 -2.75
CA HIS A 202 20.83 -10.62 -4.03
C HIS A 202 19.54 -11.19 -4.59
N ASP A 203 19.60 -11.70 -5.79
CA ASP A 203 18.42 -12.15 -6.52
C ASP A 203 17.35 -11.06 -6.52
N ILE A 204 17.81 -9.84 -6.76
CA ILE A 204 16.92 -8.66 -6.70
C ILE A 204 16.02 -8.67 -7.89
N GLN A 205 14.72 -8.54 -7.66
CA GLN A 205 13.70 -8.54 -8.71
C GLN A 205 12.86 -7.29 -8.55
N VAL A 206 12.69 -6.55 -9.64
CA VAL A 206 11.90 -5.32 -9.63
CA VAL A 206 11.88 -5.30 -9.64
C VAL A 206 10.89 -5.38 -10.78
N SER A 207 9.74 -4.86 -10.44
N SER A 207 9.62 -4.84 -10.71
CA SER A 207 8.63 -4.73 -11.44
CA SER A 207 8.59 -4.92 -11.71
C SER A 207 8.01 -3.35 -11.31
C SER A 207 7.76 -3.66 -11.50
N TYR A 208 7.57 -2.89 -12.47
N TYR A 208 7.59 -2.88 -12.55
CA TYR A 208 6.76 -1.70 -12.63
C TYR A 208 5.61 -1.94 -13.54
N PHE A 209 4.43 -1.47 -13.21
CA PHE A 209 3.27 -1.67 -14.05
C PHE A 209 2.49 -0.39 -14.10
N CYS A 210 2.20 0.03 -15.33
CA CYS A 210 1.31 1.17 -15.60
C CYS A 210 -0.08 0.65 -15.90
N ALA A 211 -1.08 1.12 -15.14
CA ALA A 211 -2.45 0.63 -15.29
C ALA A 211 -2.99 0.85 -16.69
N GLU A 212 -2.53 1.89 -17.40
CA GLU A 212 -3.02 2.11 -18.78
C GLU A 212 -2.68 0.94 -19.68
N ASP A 213 -1.72 0.10 -19.33
CA ASP A 213 -1.42 -1.05 -20.13
C ASP A 213 -2.62 -1.99 -20.28
N VAL A 214 -3.58 -1.99 -19.34
N VAL A 214 -3.58 -1.98 -19.34
CA VAL A 214 -4.76 -2.81 -19.48
CA VAL A 214 -4.71 -2.85 -19.50
C VAL A 214 -5.53 -2.49 -20.75
C VAL A 214 -5.53 -2.49 -20.75
N ARG A 215 -5.39 -1.30 -21.29
CA ARG A 215 -6.04 -0.89 -22.50
C ARG A 215 -5.24 -1.41 -23.78
N ASP A 216 -4.21 -2.11 -23.63
CA ASP A 216 -3.34 -2.40 -24.77
C ASP A 216 -2.95 -3.87 -24.74
N LYS A 217 -3.55 -4.66 -25.63
CA LYS A 217 -3.31 -6.04 -25.65
C LYS A 217 -1.83 -6.39 -25.87
N VAL A 218 -1.11 -5.56 -26.59
CA VAL A 218 0.28 -5.81 -26.89
C VAL A 218 1.09 -5.66 -25.61
N LYS A 219 0.87 -4.59 -24.90
CA LYS A 219 1.58 -4.37 -23.66
C LYS A 219 1.34 -5.51 -22.64
N LEU A 220 0.10 -5.97 -22.55
CA LEU A 220 -0.17 -7.10 -21.60
C LEU A 220 0.50 -8.34 -22.06
N HIS A 221 0.53 -8.67 -23.34
CA HIS A 221 1.17 -9.86 -23.82
C HIS A 221 2.69 -9.87 -23.59
N GLN A 222 3.29 -8.69 -23.63
CA GLN A 222 4.74 -8.57 -23.65
C GLN A 222 5.37 -8.21 -22.31
N HIS A 223 4.58 -8.13 -21.27
CA HIS A 223 5.27 -7.92 -19.93
C HIS A 223 6.41 -8.88 -19.66
N THR A 224 7.71 -8.45 -19.32
CA THR A 224 8.77 -9.41 -18.97
C THR A 224 8.68 -10.06 -17.54
N LYS A 225 7.70 -9.81 -16.68
CA LYS A 225 8.03 -9.87 -15.30
C LYS A 225 6.91 -9.98 -14.22
N LYS A 226 5.87 -10.70 -14.48
CA LYS A 226 4.75 -10.91 -13.49
C LYS A 226 4.34 -9.63 -12.75
N PRO A 227 3.66 -8.73 -13.42
CA PRO A 227 3.28 -7.45 -12.75
C PRO A 227 2.24 -7.70 -11.64
N LEU A 228 2.30 -6.83 -10.67
CA LEU A 228 1.30 -6.79 -9.62
C LEU A 228 0.06 -6.11 -10.18
N LEU A 229 -1.02 -6.86 -10.32
CA LEU A 229 -2.27 -6.37 -10.88
C LEU A 229 -3.26 -6.15 -9.76
N ILE A 230 -3.41 -4.89 -9.37
CA ILE A 230 -4.39 -4.47 -8.35
C ILE A 230 -5.61 -3.90 -9.14
N ARG A 231 -6.65 -4.73 -9.31
CA ARG A 231 -7.82 -4.48 -10.20
C ARG A 231 -8.99 -4.58 -9.13
N LYS A 232 -9.94 -3.69 -9.14
CA LYS A 232 -11.08 -3.75 -8.29
C LYS A 232 -12.31 -3.32 -8.99
N GLN A 233 -13.44 -3.90 -8.63
CA GLN A 233 -14.75 -3.45 -9.07
C GLN A 233 -15.29 -2.50 -8.03
N VAL A 234 -15.49 -1.24 -8.41
CA VAL A 234 -15.94 -0.18 -7.50
C VAL A 234 -17.06 0.60 -8.11
N THR A 235 -17.96 1.06 -7.29
CA THR A 235 -18.90 2.11 -7.69
C THR A 235 -18.21 3.47 -7.59
N LEU A 236 -18.83 4.50 -8.14
CA LEU A 236 -18.31 5.85 -7.95
C LEU A 236 -18.29 6.21 -6.47
N VAL A 237 -19.28 5.76 -5.70
CA VAL A 237 -19.31 6.01 -4.27
C VAL A 237 -18.13 5.32 -3.58
N GLU A 238 -17.81 4.11 -3.91
CA GLU A 238 -16.69 3.42 -3.34
C GLU A 238 -15.37 4.06 -3.69
N PHE A 239 -15.22 4.52 -4.94
CA PHE A 239 -13.99 5.23 -5.28
C PHE A 239 -13.88 6.51 -4.47
N ALA A 240 -15.00 7.24 -4.33
CA ALA A 240 -14.98 8.44 -3.51
C ALA A 240 -14.62 8.13 -2.05
N ASP A 241 -15.06 7.00 -1.52
CA ASP A 241 -14.67 6.60 -0.16
C ASP A 241 -13.18 6.34 -0.09
N TYR A 242 -12.59 5.76 -1.14
CA TYR A 242 -11.14 5.62 -1.22
C TYR A 242 -10.48 7.02 -1.21
N VAL A 243 -10.98 7.99 -1.99
CA VAL A 243 -10.45 9.36 -1.91
C VAL A 243 -10.45 9.87 -0.50
N ARG A 244 -11.52 9.58 0.24
N ARG A 244 -11.52 9.58 0.24
CA ARG A 244 -11.66 10.06 1.60
CA ARG A 244 -11.66 10.05 1.61
C ARG A 244 -10.67 9.43 2.56
C ARG A 244 -10.67 9.43 2.56
N THR A 245 -9.96 8.38 2.15
CA THR A 245 -8.91 7.75 2.95
C THR A 245 -7.53 8.31 2.66
N TRP A 246 -7.41 9.22 1.70
CA TRP A 246 -6.08 9.76 1.36
C TRP A 246 -5.55 10.63 2.46
N SER A 247 -4.25 10.61 2.67
CA SER A 247 -3.61 11.53 3.58
C SER A 247 -3.86 12.96 3.20
N ALA A 248 -3.76 13.31 1.92
CA ALA A 248 -4.00 14.65 1.46
C ALA A 248 -5.43 15.09 1.70
N TYR A 249 -6.39 14.16 1.53
CA TYR A 249 -7.78 14.50 1.80
C TYR A 249 -8.01 14.79 3.27
N HIS A 250 -7.44 13.99 4.18
CA HIS A 250 -7.61 14.25 5.60
C HIS A 250 -7.19 15.71 5.91
N GLN A 251 -6.01 16.09 5.40
CA GLN A 251 -5.46 17.41 5.68
C GLN A 251 -6.31 18.50 5.03
N TRP A 252 -6.72 18.30 3.77
CA TRP A 252 -7.55 19.28 3.10
C TRP A 252 -8.86 19.48 3.83
N LYS A 253 -9.50 18.40 4.20
CA LYS A 253 -10.84 18.45 4.76
C LYS A 253 -10.85 19.17 6.09
N GLN A 254 -9.79 19.04 6.85
CA GLN A 254 -9.68 19.64 8.18
C GLN A 254 -9.12 21.06 8.14
N ASP A 255 -8.65 21.54 7.02
CA ASP A 255 -8.05 22.87 6.94
C ASP A 255 -9.18 23.91 6.95
N PRO A 256 -9.24 24.79 7.95
CA PRO A 256 -10.29 25.78 7.98
C PRO A 256 -10.39 26.65 6.78
N LYS A 257 -9.35 26.80 5.99
CA LYS A 257 -9.41 27.63 4.80
C LYS A 257 -10.28 27.03 3.75
N ASN A 258 -10.67 25.76 3.82
CA ASN A 258 -11.45 25.08 2.84
C ASN A 258 -12.94 24.92 3.26
N LYS A 259 -13.34 25.56 4.35
CA LYS A 259 -14.69 25.33 4.93
C LYS A 259 -15.82 25.59 4.00
N ASP A 260 -15.69 26.55 3.10
CA ASP A 260 -16.75 26.96 2.19
C ASP A 260 -16.65 26.35 0.82
N LYS A 261 -15.79 25.37 0.65
CA LYS A 261 -15.57 24.76 -0.66
C LYS A 261 -16.30 23.43 -0.81
N GLU A 262 -16.70 23.10 -2.01
CA GLU A 262 -17.33 21.81 -2.24
C GLU A 262 -16.34 20.70 -1.93
N ASP A 263 -16.82 19.64 -1.31
CA ASP A 263 -16.01 18.53 -0.95
C ASP A 263 -15.43 17.89 -2.20
N VAL A 264 -14.12 17.60 -2.16
CA VAL A 264 -13.45 17.08 -3.37
C VAL A 264 -13.95 15.68 -3.76
N ALA A 265 -14.18 14.82 -2.79
CA ALA A 265 -14.67 13.48 -3.09
C ALA A 265 -16.08 13.53 -3.68
N ASP A 266 -16.94 14.41 -3.15
CA ASP A 266 -18.26 14.59 -3.68
C ASP A 266 -18.19 15.15 -5.10
N TRP A 267 -17.23 16.05 -5.34
CA TRP A 267 -17.03 16.65 -6.67
C TRP A 267 -16.67 15.59 -7.66
N PHE A 268 -15.83 14.66 -7.27
CA PHE A 268 -15.49 13.53 -8.14
C PHE A 268 -16.72 12.82 -8.63
N ILE A 269 -17.65 12.51 -7.73
CA ILE A 269 -18.84 11.81 -8.16
C ILE A 269 -19.62 12.63 -9.13
N LYS A 270 -19.87 13.91 -8.79
CA LYS A 270 -20.64 14.78 -9.65
C LYS A 270 -20.02 14.93 -11.04
N GLU A 271 -18.73 15.11 -11.09
CA GLU A 271 -18.03 15.31 -12.37
C GLU A 271 -17.96 14.02 -13.19
N SER A 272 -17.91 12.89 -12.53
CA SER A 272 -17.96 11.63 -13.25
C SER A 272 -19.28 11.43 -13.89
N LEU A 273 -20.35 11.69 -13.18
CA LEU A 273 -21.70 11.62 -13.74
C LEU A 273 -21.88 12.59 -14.92
N ARG A 274 -21.27 13.75 -14.85
CA ARG A 274 -21.38 14.71 -15.95
C ARG A 274 -20.69 14.16 -17.20
N ARG A 275 -19.57 13.47 -17.06
CA ARG A 275 -18.86 12.90 -18.16
C ARG A 275 -19.50 11.65 -18.73
N ARG A 276 -20.15 10.88 -17.91
CA ARG A 276 -20.78 9.61 -18.29
C ARG A 276 -22.18 9.54 -17.72
N PRO A 277 -23.09 10.27 -18.34
CA PRO A 277 -24.38 10.46 -17.68
C PRO A 277 -25.21 9.20 -17.64
N GLU A 278 -24.86 8.17 -18.41
CA GLU A 278 -25.54 6.87 -18.30
C GLU A 278 -25.20 6.08 -17.06
N LEU A 279 -24.15 6.45 -16.38
CA LEU A 279 -23.66 5.65 -15.29
C LEU A 279 -24.38 5.97 -14.04
N SER A 280 -24.85 4.98 -13.32
CA SER A 280 -25.33 5.14 -12.05
C SER A 280 -24.28 5.10 -11.00
N THR A 281 -24.48 5.78 -9.86
CA THR A 281 -23.49 5.81 -8.78
C THR A 281 -23.37 4.51 -7.97
N ASN A 282 -24.25 3.52 -8.24
CA ASN A 282 -24.12 2.21 -7.67
C ASN A 282 -23.73 1.12 -8.68
N THR A 283 -23.30 1.52 -9.86
CA THR A 283 -22.82 0.58 -10.85
C THR A 283 -21.35 0.31 -10.66
N LYS A 284 -20.99 -0.97 -10.57
CA LYS A 284 -19.60 -1.33 -10.46
C LYS A 284 -18.87 -1.17 -11.77
N ILE A 285 -17.67 -0.58 -11.71
CA ILE A 285 -16.79 -0.44 -12.85
C ILE A 285 -15.36 -0.79 -12.36
N GLU A 286 -14.50 -1.11 -13.33
CA GLU A 286 -13.17 -1.53 -12.97
C GLU A 286 -12.25 -0.34 -12.75
N VAL A 287 -11.43 -0.40 -11.72
CA VAL A 287 -10.33 0.50 -11.46
C VAL A 287 -9.05 -0.34 -11.32
N VAL A 288 -7.96 0.22 -11.86
CA VAL A 288 -6.65 -0.45 -11.85
C VAL A 288 -5.61 0.58 -11.48
N TRP A 289 -4.62 0.19 -10.66
CA TRP A 289 -3.57 1.06 -10.22
C TRP A 289 -2.25 0.83 -10.94
N ASN A 290 -1.42 1.88 -11.00
CA ASN A 290 0.01 1.69 -11.23
C ASN A 290 0.59 0.97 -10.01
N THR A 291 1.54 0.04 -10.24
CA THR A 291 2.10 -0.71 -9.16
C THR A 291 3.60 -0.94 -9.35
N PHE A 292 4.24 -1.31 -8.26
CA PHE A 292 5.64 -1.74 -8.28
C PHE A 292 5.85 -2.78 -7.23
N TYR A 293 6.91 -3.57 -7.38
CA TYR A 293 7.46 -4.35 -6.31
C TYR A 293 8.94 -4.49 -6.43
N LYS A 294 9.58 -4.74 -5.32
CA LYS A 294 11.03 -5.00 -5.21
C LYS A 294 11.20 -6.16 -4.27
N LEU A 295 11.91 -7.18 -4.70
CA LEU A 295 12.19 -8.37 -3.93
C LEU A 295 13.70 -8.57 -3.77
N GLY A 296 14.16 -8.97 -2.61
CA GLY A 296 15.55 -9.36 -2.42
C GLY A 296 15.71 -10.47 -1.44
N LYS A 297 16.86 -11.12 -1.48
CA LYS A 297 17.27 -12.15 -0.54
C LYS A 297 18.49 -11.67 0.23
N ARG A 298 18.51 -11.80 1.54
CA ARG A 298 19.61 -11.24 2.29
C ARG A 298 20.91 -11.97 2.03
N VAL A 299 21.95 -11.21 1.70
CA VAL A 299 23.26 -11.78 1.41
C VAL A 299 23.85 -12.37 2.71
#